data_8SX4
#
_entry.id   8SX4
#
_cell.length_a   49.125
_cell.length_b   74.328
_cell.length_c   51.877
_cell.angle_alpha   90.00
_cell.angle_beta   97.13
_cell.angle_gamma   90.00
#
_symmetry.space_group_name_H-M   'P 1 21 1'
#
loop_
_entity.id
_entity.type
_entity.pdbx_description
1 polymer 'Eukaryotic translation initiation factor 4E'
2 non-polymer '[(~{Z})-4-[2-azanyl-7-[(5-chloranyl-1~{H}-indol-2-yl)methyl]-6-oxidanylidene-1~{H}-purin-9-yl]but-2-enyl]phosphonic acid'
3 non-polymer "7N-METHYL-8-HYDROGUANOSINE-5'-DIPHOSPHATE"
4 water water
#
_entity_poly.entity_id   1
_entity_poly.type   'polypeptide(L)'
_entity_poly.pdbx_seq_one_letter_code
;MVANPEHYIKHPLQNRWALWFFKNDKSKTWQANLRLISKFDTVEDFWALYNHIQLSSNLMPGCDYSLFKDGIEPMWEDEK
NKRGGRWLITLNKQQRRSDLDRFWLETLLCLIGESFDDYSDDVCGAVVNVRAKGDKIAIWTTECENREAVTHIGRVYKER
LGLPPKIVIGYQSHADTATKSGSTTKNRFVV
;
_entity_poly.pdbx_strand_id   A,B
#
loop_
_chem_comp.id
_chem_comp.type
_chem_comp.name
_chem_comp.formula
M7G non-polymer 7N-METHYL-8-HYDROGUANOSINE-5'-DIPHOSPHATE 'C11 H19 N5 O11 P2'
WXL non-polymer '[(~{Z})-4-[2-azanyl-7-[(5-chloranyl-1~{H}-indol-2-yl)methyl]-6-oxidanylidene-1~{H}-purin-9-yl]but-2-enyl]phosphonic acid' 'C18 H19 Cl N6 O4 P 1'
#
# COMPACT_ATOMS: atom_id res chain seq x y z
N HIS A 7 -16.81 -8.88 14.46
CA HIS A 7 -16.08 -8.47 15.66
C HIS A 7 -15.89 -6.95 15.66
N TYR A 8 -15.59 -6.36 14.49
CA TYR A 8 -15.30 -4.93 14.39
C TYR A 8 -16.16 -4.21 13.37
N ILE A 9 -16.27 -2.89 13.50
CA ILE A 9 -17.02 -2.08 12.55
C ILE A 9 -16.13 -1.77 11.35
N LYS A 10 -16.54 -2.19 10.16
CA LYS A 10 -15.78 -1.92 8.95
C LYS A 10 -15.65 -0.41 8.68
N HIS A 11 -14.59 -0.01 7.99
CA HIS A 11 -14.29 1.37 7.72
C HIS A 11 -14.73 1.70 6.31
N PRO A 12 -15.79 2.51 6.18
CA PRO A 12 -16.31 2.78 4.84
C PRO A 12 -15.38 3.67 4.02
N LEU A 13 -15.33 3.41 2.71
CA LEU A 13 -14.61 4.22 1.76
C LEU A 13 -15.60 5.30 1.30
N GLN A 14 -15.11 6.38 0.69
CA GLN A 14 -15.97 7.44 0.18
C GLN A 14 -16.88 6.95 -0.93
N ASN A 15 -16.39 6.02 -1.77
CA ASN A 15 -17.16 5.49 -2.88
C ASN A 15 -17.20 3.95 -2.86
N ARG A 16 -18.15 3.36 -3.62
CA ARG A 16 -18.23 1.92 -3.80
C ARG A 16 -17.50 1.70 -5.12
N TRP A 17 -16.70 0.63 -5.19
CA TRP A 17 -15.85 0.33 -6.34
C TRP A 17 -16.15 -1.05 -6.89
N ALA A 18 -15.82 -1.26 -8.16
CA ALA A 18 -16.02 -2.56 -8.79
C ALA A 18 -14.74 -2.97 -9.47
N LEU A 19 -14.33 -4.24 -9.27
CA LEU A 19 -13.16 -4.77 -9.90
C LEU A 19 -13.60 -5.50 -11.16
N TRP A 20 -12.99 -5.19 -12.28
CA TRP A 20 -13.30 -5.82 -13.55
C TRP A 20 -12.05 -6.45 -14.14
N PHE A 21 -12.24 -7.45 -15.02
CA PHE A 21 -11.13 -8.03 -15.73
C PHE A 21 -11.50 -8.25 -17.21
N PHE A 22 -10.48 -8.33 -18.05
CA PHE A 22 -10.68 -8.54 -19.46
C PHE A 22 -10.02 -9.86 -19.84
N LYS A 23 -10.83 -10.87 -20.15
CA LYS A 23 -10.28 -12.18 -20.52
C LYS A 23 -10.06 -12.22 -22.00
N ASN A 24 -8.83 -11.96 -22.45
CA ASN A 24 -8.48 -11.93 -23.87
C ASN A 24 -8.94 -13.18 -24.64
N ASP A 25 -9.95 -12.99 -25.49
CA ASP A 25 -10.51 -14.07 -26.30
C ASP A 25 -10.76 -13.48 -27.68
N LYS A 26 -9.84 -13.73 -28.62
CA LYS A 26 -9.87 -13.22 -29.99
C LYS A 26 -11.11 -13.60 -30.80
N SER A 27 -11.79 -14.69 -30.44
CA SER A 27 -13.00 -15.11 -31.16
C SER A 27 -14.29 -14.34 -30.75
N LYS A 28 -14.16 -13.35 -29.85
CA LYS A 28 -15.29 -12.56 -29.39
C LYS A 28 -15.06 -11.07 -29.64
N THR A 29 -16.14 -10.31 -29.82
CA THR A 29 -16.07 -8.86 -29.94
C THR A 29 -15.60 -8.29 -28.57
N TRP A 30 -14.98 -7.09 -28.58
CA TRP A 30 -14.36 -6.52 -27.40
C TRP A 30 -15.17 -6.58 -26.09
N GLN A 31 -16.38 -5.98 -26.02
CA GLN A 31 -17.13 -5.94 -24.76
C GLN A 31 -17.54 -7.29 -24.23
N ALA A 32 -17.64 -8.29 -25.09
CA ALA A 32 -17.99 -9.65 -24.67
C ALA A 32 -16.92 -10.29 -23.75
N ASN A 33 -15.71 -9.73 -23.71
CA ASN A 33 -14.62 -10.24 -22.86
C ASN A 33 -14.53 -9.52 -21.50
N LEU A 34 -15.34 -8.46 -21.27
CA LEU A 34 -15.33 -7.77 -19.97
C LEU A 34 -16.04 -8.61 -18.93
N ARG A 35 -15.49 -8.67 -17.72
CA ARG A 35 -16.11 -9.39 -16.63
C ARG A 35 -16.08 -8.54 -15.37
N LEU A 36 -17.21 -8.40 -14.71
CA LEU A 36 -17.28 -7.71 -13.44
C LEU A 36 -17.08 -8.77 -12.38
N ILE A 37 -15.98 -8.67 -11.62
CA ILE A 37 -15.62 -9.64 -10.59
C ILE A 37 -16.38 -9.47 -9.27
N SER A 38 -16.28 -8.29 -8.65
CA SER A 38 -16.95 -8.04 -7.40
C SER A 38 -16.93 -6.56 -7.04
N LYS A 39 -17.68 -6.20 -6.01
CA LYS A 39 -17.76 -4.83 -5.56
C LYS A 39 -17.39 -4.72 -4.09
N PHE A 40 -16.98 -3.54 -3.65
CA PHE A 40 -16.63 -3.29 -2.25
C PHE A 40 -16.80 -1.80 -1.93
N ASP A 41 -16.96 -1.48 -0.66
CA ASP A 41 -17.07 -0.09 -0.23
C ASP A 41 -16.48 0.14 1.15
N THR A 42 -15.57 -0.76 1.60
CA THR A 42 -14.84 -0.63 2.84
C THR A 42 -13.32 -0.89 2.63
N VAL A 43 -12.51 -0.38 3.55
CA VAL A 43 -11.06 -0.61 3.56
C VAL A 43 -10.76 -2.12 3.71
N GLU A 44 -11.48 -2.80 4.63
CA GLU A 44 -11.27 -4.22 4.89
C GLU A 44 -11.60 -5.08 3.67
N ASP A 45 -12.70 -4.78 2.96
CA ASP A 45 -13.05 -5.56 1.77
C ASP A 45 -12.08 -5.28 0.61
N PHE A 46 -11.54 -4.05 0.52
CA PHE A 46 -10.53 -3.75 -0.53
C PHE A 46 -9.30 -4.63 -0.29
N TRP A 47 -8.78 -4.61 0.96
CA TRP A 47 -7.53 -5.32 1.23
C TRP A 47 -7.67 -6.81 1.07
N ALA A 48 -8.85 -7.38 1.42
CA ALA A 48 -9.10 -8.82 1.27
C ALA A 48 -9.05 -9.22 -0.20
N LEU A 49 -9.64 -8.39 -1.07
CA LEU A 49 -9.65 -8.62 -2.49
C LEU A 49 -8.25 -8.47 -3.09
N TYR A 50 -7.54 -7.41 -2.69
CA TYR A 50 -6.19 -7.15 -3.17
C TYR A 50 -5.25 -8.31 -2.78
N ASN A 51 -5.27 -8.71 -1.51
CA ASN A 51 -4.45 -9.80 -1.04
C ASN A 51 -4.79 -11.12 -1.76
N HIS A 52 -6.07 -11.34 -2.05
CA HIS A 52 -6.52 -12.52 -2.79
C HIS A 52 -6.02 -12.53 -4.24
N ILE A 53 -6.11 -11.40 -4.95
CA ILE A 53 -5.65 -11.33 -6.33
C ILE A 53 -4.15 -11.52 -6.45
N GLN A 54 -3.37 -10.90 -5.54
CA GLN A 54 -1.89 -11.02 -5.54
C GLN A 54 -1.45 -12.46 -5.33
N LEU A 55 -2.17 -13.23 -4.51
CA LEU A 55 -1.83 -14.63 -4.29
C LEU A 55 -2.48 -15.60 -5.29
N SER A 56 -3.04 -15.08 -6.40
CA SER A 56 -3.68 -15.88 -7.45
C SER A 56 -3.02 -15.62 -8.81
N GLY A 62 -2.07 -10.91 -21.98
CA GLY A 62 -2.81 -9.66 -21.86
C GLY A 62 -4.03 -9.71 -20.96
N CYS A 63 -3.93 -10.40 -19.81
CA CYS A 63 -5.08 -10.51 -18.89
C CYS A 63 -5.18 -9.28 -18.00
N ASP A 64 -5.80 -8.24 -18.54
CA ASP A 64 -5.96 -6.91 -17.95
C ASP A 64 -7.03 -6.79 -16.86
N TYR A 65 -6.85 -5.82 -15.96
CA TYR A 65 -7.77 -5.58 -14.85
C TYR A 65 -8.10 -4.07 -14.73
N SER A 66 -9.19 -3.75 -14.02
CA SER A 66 -9.54 -2.36 -13.78
C SER A 66 -10.36 -2.21 -12.51
N LEU A 67 -10.33 -1.01 -11.91
CA LEU A 67 -11.09 -0.70 -10.72
C LEU A 67 -11.84 0.56 -11.07
N PHE A 68 -13.18 0.48 -11.15
CA PHE A 68 -13.96 1.67 -11.53
C PHE A 68 -15.00 1.93 -10.47
N LYS A 69 -15.45 3.19 -10.37
CA LYS A 69 -16.49 3.55 -9.39
C LYS A 69 -17.77 2.78 -9.76
N ASP A 70 -18.60 2.47 -8.75
CA ASP A 70 -19.86 1.74 -8.96
C ASP A 70 -20.75 2.46 -9.95
N GLY A 71 -21.23 1.74 -10.97
CA GLY A 71 -22.09 2.32 -11.99
C GLY A 71 -21.36 2.74 -13.26
N ILE A 72 -20.01 2.69 -13.24
CA ILE A 72 -19.23 3.04 -14.42
C ILE A 72 -18.56 1.81 -14.98
N GLU A 73 -18.88 1.44 -16.20
CA GLU A 73 -18.24 0.31 -16.85
C GLU A 73 -16.90 0.77 -17.36
N PRO A 74 -15.89 -0.12 -17.32
CA PRO A 74 -14.54 0.27 -17.73
C PRO A 74 -14.38 0.31 -19.24
N MET A 75 -15.14 1.19 -19.88
CA MET A 75 -15.09 1.32 -21.34
C MET A 75 -15.39 2.72 -21.80
N TRP A 76 -14.78 3.13 -22.93
CA TRP A 76 -14.95 4.45 -23.53
C TRP A 76 -16.44 4.79 -23.74
N GLU A 77 -17.21 3.76 -24.10
CA GLU A 77 -18.66 3.77 -24.38
C GLU A 77 -19.52 4.24 -23.27
N ASP A 78 -19.11 4.03 -22.02
CA ASP A 78 -19.88 4.46 -20.86
C ASP A 78 -20.07 5.97 -20.86
N GLU A 79 -21.26 6.43 -20.46
CA GLU A 79 -21.65 7.83 -20.38
C GLU A 79 -20.65 8.68 -19.57
N LYS A 80 -20.11 8.11 -18.47
CA LYS A 80 -19.15 8.81 -17.62
C LYS A 80 -17.73 8.84 -18.20
N ASN A 81 -17.45 8.07 -19.24
CA ASN A 81 -16.13 8.01 -19.86
C ASN A 81 -16.06 8.60 -21.25
N LYS A 82 -17.17 8.59 -22.01
CA LYS A 82 -17.17 9.03 -23.42
C LYS A 82 -16.56 10.41 -23.67
N ARG A 83 -16.75 11.38 -22.78
CA ARG A 83 -16.16 12.71 -22.95
C ARG A 83 -14.82 12.89 -22.18
N GLY A 84 -14.34 11.82 -21.54
CA GLY A 84 -13.12 11.87 -20.74
C GLY A 84 -11.87 11.35 -21.40
N GLY A 85 -10.91 10.97 -20.59
CA GLY A 85 -9.61 10.53 -21.08
C GLY A 85 -8.81 9.85 -19.98
N ARG A 86 -7.52 9.63 -20.23
CA ARG A 86 -6.69 8.93 -19.23
C ARG A 86 -5.28 9.49 -19.14
N TRP A 87 -4.71 9.44 -17.93
CA TRP A 87 -3.32 9.75 -17.73
C TRP A 87 -2.63 8.43 -17.92
N LEU A 88 -1.70 8.32 -18.86
CA LEU A 88 -1.05 7.03 -19.15
C LEU A 88 0.39 6.93 -18.64
N ILE A 89 0.71 5.79 -18.01
CA ILE A 89 2.05 5.49 -17.54
C ILE A 89 2.50 4.25 -18.30
N THR A 90 3.58 4.36 -19.04
CA THR A 90 4.10 3.26 -19.85
C THR A 90 5.33 2.66 -19.20
N LEU A 91 5.33 1.34 -18.96
CA LEU A 91 6.46 0.65 -18.34
C LEU A 91 7.23 -0.14 -19.42
N ASN A 92 8.56 -0.24 -19.31
CA ASN A 92 9.34 -1.09 -20.23
C ASN A 92 9.31 -2.57 -19.75
N LYS A 93 9.82 -3.54 -20.53
CA LYS A 93 9.77 -4.96 -20.14
C LYS A 93 10.40 -5.28 -18.77
N GLN A 94 11.44 -4.53 -18.41
CA GLN A 94 12.16 -4.69 -17.15
C GLN A 94 11.39 -4.13 -15.93
N GLN A 95 10.38 -3.30 -16.16
CA GLN A 95 9.60 -2.71 -15.07
C GLN A 95 8.45 -3.58 -14.57
N ARG A 96 8.14 -4.70 -15.25
CA ARG A 96 7.08 -5.61 -14.78
C ARG A 96 7.46 -6.22 -13.43
N ARG A 97 8.74 -6.60 -13.28
CA ARG A 97 9.22 -7.21 -12.07
C ARG A 97 9.45 -6.20 -10.96
N SER A 98 10.17 -5.11 -11.26
CA SER A 98 10.54 -4.14 -10.25
C SER A 98 9.51 -3.06 -9.89
N ASP A 99 8.64 -2.68 -10.83
CA ASP A 99 7.77 -1.54 -10.60
C ASP A 99 6.26 -1.75 -10.75
N LEU A 100 5.82 -2.73 -11.55
CA LEU A 100 4.41 -2.95 -11.87
C LEU A 100 3.51 -3.06 -10.64
N ASP A 101 3.77 -4.01 -9.74
CA ASP A 101 2.95 -4.20 -8.55
C ASP A 101 2.90 -2.94 -7.68
N ARG A 102 4.03 -2.23 -7.52
CA ARG A 102 4.08 -1.03 -6.68
C ARG A 102 3.26 0.12 -7.29
N PHE A 103 3.44 0.35 -8.58
CA PHE A 103 2.71 1.38 -9.31
C PHE A 103 1.21 1.05 -9.30
N TRP A 104 0.84 -0.24 -9.46
CA TRP A 104 -0.58 -0.61 -9.46
C TRP A 104 -1.24 -0.41 -8.09
N LEU A 105 -0.62 -0.88 -7.02
CA LEU A 105 -1.16 -0.66 -5.68
C LEU A 105 -1.24 0.83 -5.33
N GLU A 106 -0.18 1.59 -5.66
CA GLU A 106 -0.19 3.02 -5.41
C GLU A 106 -1.34 3.72 -6.18
N THR A 107 -1.64 3.27 -7.41
CA THR A 107 -2.74 3.78 -8.22
C THR A 107 -4.09 3.40 -7.56
N LEU A 108 -4.26 2.13 -7.12
CA LEU A 108 -5.51 1.71 -6.43
C LEU A 108 -5.74 2.58 -5.16
N LEU A 109 -4.67 2.88 -4.42
CA LEU A 109 -4.74 3.69 -3.20
C LEU A 109 -5.15 5.14 -3.50
N CYS A 110 -4.66 5.72 -4.59
CA CYS A 110 -5.08 7.07 -5.06
C CYS A 110 -6.58 7.09 -5.31
N LEU A 111 -7.11 5.98 -5.84
CA LEU A 111 -8.53 5.86 -6.15
C LEU A 111 -9.39 5.75 -4.90
N ILE A 112 -9.20 4.69 -4.10
CA ILE A 112 -10.05 4.46 -2.93
C ILE A 112 -9.82 5.50 -1.84
N GLY A 113 -8.63 6.04 -1.76
CA GLY A 113 -8.31 7.04 -0.75
C GLY A 113 -8.65 8.46 -1.17
N GLU A 114 -9.18 8.66 -2.39
CA GLU A 114 -9.56 9.99 -2.92
C GLU A 114 -8.38 10.99 -2.79
N SER A 115 -7.20 10.59 -3.28
CA SER A 115 -5.98 11.37 -3.07
C SER A 115 -5.90 12.68 -3.83
N PHE A 116 -6.82 12.93 -4.77
CA PHE A 116 -6.79 14.19 -5.52
C PHE A 116 -7.73 15.26 -4.93
N ASP A 117 -8.11 15.10 -3.65
CA ASP A 117 -9.01 15.97 -2.90
C ASP A 117 -10.32 16.17 -3.68
N ASP A 118 -10.82 17.41 -3.89
CA ASP A 118 -12.08 17.60 -4.61
C ASP A 118 -12.04 17.12 -6.05
N TYR A 119 -10.85 17.13 -6.67
CA TYR A 119 -10.68 16.66 -8.03
C TYR A 119 -10.85 15.15 -8.17
N SER A 120 -10.84 14.38 -7.06
CA SER A 120 -11.11 12.94 -7.11
C SER A 120 -12.55 12.64 -7.58
N ASP A 121 -13.47 13.63 -7.48
CA ASP A 121 -14.82 13.46 -8.04
C ASP A 121 -14.77 13.24 -9.58
N ASP A 122 -13.73 13.73 -10.29
CA ASP A 122 -13.58 13.54 -11.74
C ASP A 122 -13.00 12.17 -12.11
N VAL A 123 -12.47 11.40 -11.13
CA VAL A 123 -11.88 10.11 -11.42
C VAL A 123 -12.99 9.08 -11.67
N CYS A 124 -12.84 8.29 -12.71
CA CYS A 124 -13.76 7.21 -13.03
C CYS A 124 -13.21 5.89 -12.54
N GLY A 125 -11.94 5.65 -12.84
CA GLY A 125 -11.29 4.40 -12.45
C GLY A 125 -9.86 4.34 -12.91
N ALA A 126 -9.27 3.13 -12.89
CA ALA A 126 -7.91 2.88 -13.35
C ALA A 126 -7.85 1.55 -14.08
N VAL A 127 -6.96 1.45 -15.06
CA VAL A 127 -6.78 0.24 -15.90
C VAL A 127 -5.31 -0.17 -15.93
N VAL A 128 -5.02 -1.47 -15.74
CA VAL A 128 -3.66 -1.96 -15.89
C VAL A 128 -3.64 -2.94 -17.08
N ASN A 129 -2.78 -2.69 -18.08
CA ASN A 129 -2.67 -3.57 -19.23
C ASN A 129 -1.41 -4.42 -19.10
N VAL A 130 -1.56 -5.75 -18.93
CA VAL A 130 -0.43 -6.66 -18.80
C VAL A 130 -0.02 -7.09 -20.22
N ARG A 131 1.11 -6.56 -20.73
CA ARG A 131 1.54 -6.90 -22.09
C ARG A 131 2.96 -7.46 -22.14
N ALA A 132 3.20 -8.46 -23.01
CA ALA A 132 4.54 -9.02 -23.19
C ALA A 132 5.51 -7.93 -23.70
N LYS A 133 5.01 -6.99 -24.51
CA LYS A 133 5.81 -5.90 -25.05
C LYS A 133 6.00 -4.70 -24.12
N GLY A 134 5.35 -4.68 -22.95
CA GLY A 134 5.43 -3.56 -22.03
C GLY A 134 4.09 -3.25 -21.37
N ASP A 135 4.08 -3.19 -20.04
CA ASP A 135 2.88 -2.94 -19.29
C ASP A 135 2.47 -1.47 -19.28
N LYS A 136 1.19 -1.21 -19.03
CA LYS A 136 0.70 0.16 -18.98
C LYS A 136 -0.28 0.32 -17.81
N ILE A 137 -0.34 1.49 -17.22
CA ILE A 137 -1.29 1.78 -16.14
C ILE A 137 -1.89 3.17 -16.42
N ALA A 138 -3.19 3.32 -16.27
CA ALA A 138 -3.86 4.58 -16.54
C ALA A 138 -4.89 4.91 -15.50
N ILE A 139 -5.10 6.19 -15.24
CA ILE A 139 -6.17 6.68 -14.40
C ILE A 139 -7.10 7.40 -15.40
N TRP A 140 -8.37 6.99 -15.41
CA TRP A 140 -9.41 7.49 -16.28
C TRP A 140 -10.20 8.57 -15.59
N THR A 141 -10.46 9.69 -16.32
CA THR A 141 -11.21 10.80 -15.75
C THR A 141 -12.43 11.10 -16.65
N THR A 142 -13.44 11.78 -16.12
CA THR A 142 -14.72 11.96 -16.80
C THR A 142 -14.81 13.04 -17.88
N GLU A 143 -14.00 14.10 -17.81
CA GLU A 143 -14.12 15.20 -18.78
C GLU A 143 -12.75 15.71 -19.24
N CYS A 144 -12.38 15.41 -20.50
CA CYS A 144 -11.09 15.85 -21.02
C CYS A 144 -11.00 17.38 -21.11
N GLU A 145 -12.14 18.09 -21.12
CA GLU A 145 -12.12 19.55 -21.15
C GLU A 145 -11.99 20.18 -19.76
N ASN A 146 -11.95 19.36 -18.68
CA ASN A 146 -11.77 19.92 -17.33
C ASN A 146 -10.26 20.08 -17.03
N ARG A 147 -9.58 21.02 -17.72
CA ARG A 147 -8.14 21.30 -17.61
C ARG A 147 -7.61 21.40 -16.19
N GLU A 148 -8.27 22.18 -15.34
CA GLU A 148 -7.82 22.33 -13.96
C GLU A 148 -7.84 20.98 -13.21
N ALA A 149 -8.95 20.22 -13.32
CA ALA A 149 -9.05 18.95 -12.62
C ALA A 149 -8.05 17.94 -13.21
N VAL A 150 -8.03 17.77 -14.53
CA VAL A 150 -7.14 16.84 -15.22
C VAL A 150 -5.66 17.07 -14.86
N THR A 151 -5.18 18.33 -14.96
CA THR A 151 -3.78 18.65 -14.70
C THR A 151 -3.40 18.42 -13.23
N HIS A 152 -4.28 18.79 -12.30
CA HIS A 152 -4.01 18.57 -10.89
C HIS A 152 -3.90 17.06 -10.61
N ILE A 153 -4.80 16.23 -11.15
CA ILE A 153 -4.77 14.78 -10.96
C ILE A 153 -3.43 14.22 -11.48
N GLY A 154 -3.04 14.62 -12.68
CA GLY A 154 -1.78 14.20 -13.28
C GLY A 154 -0.54 14.56 -12.48
N ARG A 155 -0.42 15.82 -12.03
CA ARG A 155 0.76 16.26 -11.26
C ARG A 155 0.86 15.47 -9.94
N VAL A 156 -0.25 15.33 -9.21
CA VAL A 156 -0.27 14.57 -7.94
C VAL A 156 0.04 13.08 -8.22
N TYR A 157 -0.54 12.49 -9.28
CA TYR A 157 -0.32 11.08 -9.62
C TYR A 157 1.15 10.80 -9.96
N LYS A 158 1.74 11.66 -10.78
CA LYS A 158 3.16 11.53 -11.14
C LYS A 158 4.06 11.60 -9.90
N GLU A 159 3.75 12.51 -8.98
CA GLU A 159 4.49 12.71 -7.75
C GLU A 159 4.30 11.53 -6.81
N ARG A 160 3.06 11.04 -6.68
CA ARG A 160 2.71 9.91 -5.81
C ARG A 160 3.45 8.65 -6.24
N LEU A 161 3.63 8.46 -7.54
CA LEU A 161 4.38 7.30 -8.03
C LEU A 161 5.95 7.52 -8.03
N GLY A 162 6.40 8.70 -7.65
CA GLY A 162 7.83 9.02 -7.60
C GLY A 162 8.52 8.97 -8.95
N LEU A 163 7.81 9.38 -10.01
CA LEU A 163 8.37 9.36 -11.36
C LEU A 163 9.40 10.49 -11.52
N PRO A 164 10.46 10.31 -12.33
CA PRO A 164 11.45 11.38 -12.51
C PRO A 164 10.78 12.60 -13.12
N PRO A 165 11.01 13.78 -12.56
CA PRO A 165 10.30 14.97 -13.05
C PRO A 165 10.45 15.28 -14.53
N LYS A 166 11.66 15.12 -15.08
CA LYS A 166 11.92 15.48 -16.47
C LYS A 166 11.12 14.75 -17.53
N ILE A 167 10.67 13.51 -17.27
CA ILE A 167 9.94 12.74 -18.28
C ILE A 167 8.41 12.94 -18.14
N VAL A 168 7.75 13.44 -19.19
CA VAL A 168 6.32 13.69 -19.12
C VAL A 168 5.47 12.42 -19.21
N ILE A 169 4.30 12.49 -18.59
CA ILE A 169 3.25 11.51 -18.73
C ILE A 169 2.18 12.30 -19.50
N GLY A 170 1.49 11.61 -20.38
CA GLY A 170 0.49 12.26 -21.23
C GLY A 170 -0.92 11.85 -20.88
N TYR A 171 -1.84 12.79 -21.07
CA TYR A 171 -3.27 12.63 -20.89
C TYR A 171 -3.90 12.60 -22.28
N GLN A 172 -4.49 11.48 -22.65
CA GLN A 172 -5.12 11.36 -23.97
C GLN A 172 -6.64 11.29 -23.82
N SER A 173 -7.38 12.05 -24.64
CA SER A 173 -8.83 11.97 -24.65
C SER A 173 -9.25 10.60 -25.21
N HIS A 174 -10.33 9.98 -24.65
CA HIS A 174 -10.77 8.70 -25.16
C HIS A 174 -11.26 8.86 -26.64
N ALA A 175 -11.84 10.03 -26.99
CA ALA A 175 -12.29 10.31 -28.37
C ALA A 175 -11.11 10.22 -29.34
N ASP A 176 -9.91 10.66 -28.90
CA ASP A 176 -8.69 10.62 -29.71
C ASP A 176 -8.11 9.21 -29.75
N THR A 177 -8.13 8.49 -28.61
CA THR A 177 -7.62 7.12 -28.58
C THR A 177 -8.48 6.23 -29.50
N ALA A 178 -9.82 6.42 -29.47
CA ALA A 178 -10.76 5.63 -30.27
C ALA A 178 -10.69 5.89 -31.79
N THR A 179 -10.19 7.07 -32.19
CA THR A 179 -10.04 7.40 -33.61
C THR A 179 -8.57 7.56 -33.98
N LYS A 180 -7.68 6.78 -33.31
CA LYS A 180 -6.23 6.80 -33.48
C LYS A 180 -5.82 6.43 -34.90
N SER A 181 -4.75 7.06 -35.42
CA SER A 181 -4.24 6.81 -36.76
C SER A 181 -2.70 6.87 -36.80
N LYS A 186 -1.73 11.14 -29.38
CA LYS A 186 -1.62 12.59 -29.21
C LYS A 186 -2.12 13.01 -27.82
N ASN A 187 -1.34 13.83 -27.12
CA ASN A 187 -1.68 14.23 -25.75
C ASN A 187 -2.36 15.58 -25.63
N ARG A 188 -3.55 15.61 -24.99
CA ARG A 188 -4.27 16.86 -24.72
C ARG A 188 -3.47 17.70 -23.72
N PHE A 189 -2.88 17.04 -22.69
CA PHE A 189 -2.08 17.66 -21.63
C PHE A 189 -0.88 16.80 -21.27
N VAL A 190 0.15 17.41 -20.71
CA VAL A 190 1.34 16.71 -20.22
C VAL A 190 1.75 17.30 -18.88
N VAL A 191 2.31 16.49 -17.98
CA VAL A 191 2.82 16.94 -16.69
C VAL A 191 4.13 16.18 -16.39
N ASN B 4 -16.43 25.50 -5.41
CA ASN B 4 -15.23 25.50 -6.27
C ASN B 4 -14.26 24.44 -5.74
N PRO B 5 -13.61 23.65 -6.62
CA PRO B 5 -12.73 22.58 -6.12
C PRO B 5 -11.50 23.04 -5.36
N GLU B 6 -11.27 22.40 -4.24
CA GLU B 6 -10.14 22.69 -3.37
C GLU B 6 -9.21 21.50 -3.30
N HIS B 7 -7.94 21.77 -3.03
CA HIS B 7 -6.93 20.74 -2.85
C HIS B 7 -5.94 21.21 -1.79
N TYR B 8 -5.24 20.27 -1.17
CA TYR B 8 -4.22 20.58 -0.20
C TYR B 8 -2.87 20.23 -0.82
N ILE B 9 -1.89 21.10 -0.61
CA ILE B 9 -0.53 20.86 -1.10
C ILE B 9 0.16 19.78 -0.20
N LYS B 10 -0.30 19.62 1.06
CA LYS B 10 0.17 18.63 2.00
C LYS B 10 -1.00 17.99 2.79
N HIS B 11 -0.92 16.69 3.07
CA HIS B 11 -1.95 15.97 3.83
C HIS B 11 -1.30 15.44 5.08
N PRO B 12 -1.55 16.06 6.23
CA PRO B 12 -0.90 15.60 7.46
C PRO B 12 -1.34 14.22 7.95
N LEU B 13 -0.40 13.49 8.51
CA LEU B 13 -0.71 12.23 9.17
C LEU B 13 -1.08 12.60 10.63
N GLN B 14 -1.78 11.71 11.34
CA GLN B 14 -2.15 11.93 12.74
C GLN B 14 -0.93 11.96 13.66
N ASN B 15 0.12 11.23 13.32
CA ASN B 15 1.36 11.21 14.08
C ASN B 15 2.56 11.45 13.19
N ARG B 16 3.68 11.86 13.80
CA ARG B 16 4.97 12.00 13.13
C ARG B 16 5.71 10.65 13.35
N TRP B 17 6.32 10.10 12.29
CA TRP B 17 6.98 8.79 12.33
C TRP B 17 8.45 8.89 11.94
N ALA B 18 9.24 7.94 12.41
CA ALA B 18 10.65 7.89 12.09
C ALA B 18 11.02 6.53 11.59
N LEU B 19 11.78 6.50 10.49
CA LEU B 19 12.32 5.28 9.91
C LEU B 19 13.70 5.02 10.47
N TRP B 20 13.91 3.84 11.01
CA TRP B 20 15.18 3.44 11.56
C TRP B 20 15.72 2.29 10.75
N PHE B 21 17.02 2.09 10.82
CA PHE B 21 17.68 1.00 10.16
C PHE B 21 18.67 0.35 11.12
N PHE B 22 18.82 -0.96 11.01
CA PHE B 22 19.77 -1.71 11.81
C PHE B 22 20.60 -2.56 10.87
N LYS B 23 21.92 -2.50 11.00
CA LYS B 23 22.80 -3.30 10.17
C LYS B 23 23.61 -4.21 11.07
N ASN B 24 23.62 -5.52 10.80
CA ASN B 24 24.32 -6.49 11.64
C ASN B 24 25.83 -6.27 11.72
N ASP B 25 26.39 -6.59 12.89
CA ASP B 25 27.81 -6.52 13.16
C ASP B 25 28.01 -7.15 14.52
N LYS B 26 28.45 -8.43 14.56
CA LYS B 26 28.66 -9.16 15.81
C LYS B 26 29.79 -8.62 16.69
N SER B 27 30.63 -7.74 16.14
CA SER B 27 31.73 -7.12 16.87
C SER B 27 31.21 -6.05 17.83
N LYS B 28 30.19 -5.29 17.39
CA LYS B 28 29.59 -4.21 18.17
C LYS B 28 28.37 -4.67 18.94
N THR B 29 28.10 -3.99 20.05
CA THR B 29 26.91 -4.25 20.85
C THR B 29 25.67 -3.74 20.09
N TRP B 30 24.52 -4.38 20.32
CA TRP B 30 23.27 -4.12 19.61
C TRP B 30 22.91 -2.63 19.36
N GLN B 31 22.81 -1.78 20.40
CA GLN B 31 22.38 -0.39 20.23
C GLN B 31 23.24 0.48 19.34
N ALA B 32 24.55 0.19 19.25
CA ALA B 32 25.45 0.96 18.39
C ALA B 32 25.12 0.75 16.90
N ASN B 33 24.46 -0.38 16.54
CA ASN B 33 24.08 -0.68 15.16
C ASN B 33 22.75 -0.03 14.71
N LEU B 34 22.04 0.66 15.63
CA LEU B 34 20.79 1.33 15.27
C LEU B 34 21.10 2.70 14.66
N ARG B 35 20.29 3.11 13.66
CA ARG B 35 20.48 4.40 13.00
C ARG B 35 19.12 5.01 12.70
N LEU B 36 18.95 6.31 12.93
CA LEU B 36 17.71 7.01 12.60
C LEU B 36 17.90 7.56 11.18
N ILE B 37 17.07 7.13 10.22
CA ILE B 37 17.23 7.52 8.80
C ILE B 37 16.48 8.79 8.44
N SER B 38 15.19 8.85 8.76
CA SER B 38 14.41 10.03 8.44
C SER B 38 13.10 10.06 9.15
N LYS B 39 12.50 11.23 9.19
CA LYS B 39 11.21 11.42 9.81
C LYS B 39 10.26 12.05 8.79
N PHE B 40 8.97 11.83 8.95
CA PHE B 40 7.94 12.39 8.09
C PHE B 40 6.64 12.51 8.88
N ASP B 41 5.77 13.43 8.48
CA ASP B 41 4.46 13.59 9.11
C ASP B 41 3.35 13.88 8.11
N THR B 42 3.57 13.60 6.83
CA THR B 42 2.55 13.79 5.81
C THR B 42 2.54 12.56 4.88
N VAL B 43 1.41 12.37 4.18
CA VAL B 43 1.24 11.31 3.19
C VAL B 43 2.28 11.43 2.09
N GLU B 44 2.48 12.67 1.55
CA GLU B 44 3.44 12.96 0.48
C GLU B 44 4.87 12.55 0.89
N ASP B 45 5.28 12.92 2.11
CA ASP B 45 6.63 12.59 2.59
C ASP B 45 6.80 11.08 2.91
N PHE B 46 5.70 10.38 3.27
CA PHE B 46 5.78 8.93 3.47
C PHE B 46 6.09 8.29 2.10
N TRP B 47 5.30 8.66 1.08
CA TRP B 47 5.48 8.06 -0.24
C TRP B 47 6.82 8.48 -0.86
N ALA B 48 7.31 9.70 -0.58
CA ALA B 48 8.62 10.12 -1.12
C ALA B 48 9.74 9.26 -0.54
N LEU B 49 9.61 8.83 0.72
CA LEU B 49 10.59 7.95 1.36
C LEU B 49 10.45 6.52 0.87
N TYR B 50 9.23 5.94 0.90
CA TYR B 50 9.01 4.57 0.48
C TYR B 50 9.43 4.33 -0.97
N ASN B 51 9.12 5.26 -1.85
CA ASN B 51 9.42 5.09 -3.27
C ASN B 51 10.91 5.16 -3.60
N HIS B 52 11.72 5.72 -2.73
CA HIS B 52 13.15 5.87 -3.02
C HIS B 52 14.07 4.99 -2.15
N ILE B 53 13.54 4.23 -1.17
CA ILE B 53 14.42 3.34 -0.38
C ILE B 53 14.36 1.91 -0.87
N GLN B 54 15.43 1.15 -0.63
CA GLN B 54 15.55 -0.26 -1.00
C GLN B 54 14.43 -1.07 -0.36
N LEU B 55 13.85 -2.01 -1.11
CA LEU B 55 12.81 -2.89 -0.59
C LEU B 55 13.39 -3.82 0.49
N SER B 56 12.55 -4.27 1.43
CA SER B 56 12.95 -5.20 2.49
C SER B 56 13.48 -6.51 1.87
N SER B 57 12.87 -6.98 0.79
CA SER B 57 13.32 -8.22 0.14
C SER B 57 14.74 -8.11 -0.43
N ASN B 58 15.18 -6.90 -0.80
CA ASN B 58 16.51 -6.69 -1.33
C ASN B 58 17.54 -6.28 -0.27
N LEU B 59 17.16 -6.21 1.02
CA LEU B 59 18.11 -5.88 2.09
C LEU B 59 19.06 -7.07 2.33
N MET B 60 20.27 -6.79 2.82
CA MET B 60 21.23 -7.86 3.14
C MET B 60 20.74 -8.58 4.41
N PRO B 61 20.87 -9.91 4.48
CA PRO B 61 20.47 -10.62 5.73
C PRO B 61 21.14 -10.03 6.97
N GLY B 62 20.43 -9.99 8.08
CA GLY B 62 20.93 -9.36 9.30
C GLY B 62 20.52 -7.91 9.46
N CYS B 63 19.83 -7.32 8.44
CA CYS B 63 19.37 -5.94 8.51
C CYS B 63 17.90 -5.84 8.96
N ASP B 64 17.52 -4.69 9.57
CA ASP B 64 16.13 -4.45 9.96
C ASP B 64 15.70 -3.06 9.50
N TYR B 65 14.41 -2.87 9.26
CA TYR B 65 13.82 -1.54 9.10
C TYR B 65 12.85 -1.45 10.29
N SER B 66 12.66 -0.24 10.82
CA SER B 66 11.67 -0.03 11.86
C SER B 66 10.99 1.28 11.59
N LEU B 67 9.69 1.36 11.79
CA LEU B 67 8.99 2.63 11.70
C LEU B 67 8.37 2.80 13.07
N PHE B 68 8.78 3.82 13.82
CA PHE B 68 8.22 4.06 15.16
C PHE B 68 7.75 5.50 15.29
N LYS B 69 6.81 5.76 16.21
CA LYS B 69 6.31 7.11 16.43
C LYS B 69 7.44 7.99 16.92
N ASP B 70 7.45 9.25 16.52
CA ASP B 70 8.49 10.20 16.91
C ASP B 70 8.68 10.21 18.45
N GLY B 71 9.92 10.05 18.90
CA GLY B 71 10.22 10.00 20.32
C GLY B 71 10.41 8.61 20.87
N ILE B 72 10.01 7.55 20.11
CA ILE B 72 10.15 6.19 20.58
C ILE B 72 11.23 5.50 19.80
N GLU B 73 12.32 5.09 20.50
CA GLU B 73 13.39 4.34 19.87
C GLU B 73 12.92 2.90 19.73
N PRO B 74 13.31 2.21 18.63
CA PRO B 74 12.86 0.84 18.39
C PRO B 74 13.60 -0.20 19.22
N MET B 75 13.58 -0.03 20.53
CA MET B 75 14.26 -0.94 21.42
C MET B 75 13.49 -1.13 22.70
N TRP B 76 13.63 -2.33 23.29
CA TRP B 76 12.97 -2.71 24.55
C TRP B 76 13.20 -1.67 25.65
N GLU B 77 14.37 -1.05 25.67
CA GLU B 77 14.82 -0.08 26.69
C GLU B 77 14.03 1.19 26.77
N ASP B 78 13.41 1.60 25.64
CA ASP B 78 12.62 2.83 25.62
C ASP B 78 11.48 2.76 26.63
N GLU B 79 11.20 3.87 27.31
CA GLU B 79 10.12 3.94 28.30
C GLU B 79 8.77 3.47 27.73
N LYS B 80 8.53 3.72 26.42
CA LYS B 80 7.26 3.33 25.81
C LYS B 80 7.22 1.87 25.33
N ASN B 81 8.34 1.15 25.36
CA ASN B 81 8.40 -0.26 24.97
C ASN B 81 8.67 -1.21 26.15
N LYS B 82 9.31 -0.70 27.23
CA LYS B 82 9.67 -1.40 28.47
C LYS B 82 8.60 -2.41 28.92
N ARG B 83 7.36 -1.96 29.07
CA ARG B 83 6.26 -2.81 29.55
C ARG B 83 5.39 -3.42 28.45
N GLY B 84 5.79 -3.27 27.20
CA GLY B 84 5.02 -3.73 26.07
C GLY B 84 5.46 -5.06 25.50
N GLY B 85 5.12 -5.27 24.25
CA GLY B 85 5.43 -6.51 23.54
C GLY B 85 5.16 -6.35 22.05
N ARG B 86 5.16 -7.47 21.34
CA ARG B 86 4.96 -7.43 19.89
C ARG B 86 4.15 -8.59 19.39
N TRP B 87 3.39 -8.34 18.31
CA TRP B 87 2.71 -9.38 17.56
C TRP B 87 3.72 -9.78 16.54
N LEU B 88 4.08 -11.06 16.47
CA LEU B 88 5.12 -11.51 15.57
C LEU B 88 4.59 -12.37 14.44
N ILE B 89 5.02 -12.08 13.22
CA ILE B 89 4.68 -12.85 12.05
C ILE B 89 5.98 -13.42 11.53
N THR B 90 6.05 -14.74 11.39
CA THR B 90 7.26 -15.38 10.88
C THR B 90 6.99 -15.86 9.45
N LEU B 91 7.91 -15.58 8.55
CA LEU B 91 7.79 -15.96 7.15
C LEU B 91 8.85 -17.01 6.86
N ASN B 92 8.55 -17.90 5.91
CA ASN B 92 9.51 -18.92 5.52
C ASN B 92 10.36 -18.40 4.36
N LYS B 93 11.44 -19.12 3.99
CA LYS B 93 12.33 -18.69 2.93
C LYS B 93 11.61 -18.37 1.61
N GLN B 94 10.62 -19.18 1.23
CA GLN B 94 9.87 -18.92 -0.01
C GLN B 94 8.90 -17.73 0.06
N GLN B 95 8.77 -17.09 1.22
CA GLN B 95 7.89 -15.95 1.38
C GLN B 95 8.58 -14.59 1.15
N ARG B 96 9.92 -14.58 0.97
CA ARG B 96 10.63 -13.31 0.73
C ARG B 96 10.24 -12.69 -0.62
N ARG B 97 10.05 -13.53 -1.64
CA ARG B 97 9.69 -13.08 -2.96
C ARG B 97 8.18 -12.84 -3.09
N SER B 98 7.37 -13.69 -2.46
CA SER B 98 5.92 -13.60 -2.60
C SER B 98 5.17 -12.74 -1.56
N ASP B 99 5.69 -12.60 -0.34
CA ASP B 99 4.95 -11.94 0.73
C ASP B 99 5.64 -10.79 1.48
N LEU B 100 6.98 -10.81 1.65
CA LEU B 100 7.69 -9.84 2.50
C LEU B 100 7.38 -8.34 2.21
N ASP B 101 7.61 -7.87 0.97
CA ASP B 101 7.38 -6.46 0.65
C ASP B 101 5.92 -6.07 0.76
N ARG B 102 5.01 -7.01 0.43
CA ARG B 102 3.57 -6.75 0.53
C ARG B 102 3.17 -6.62 2.00
N PHE B 103 3.56 -7.58 2.83
CA PHE B 103 3.24 -7.57 4.25
C PHE B 103 3.83 -6.28 4.91
N TRP B 104 5.07 -5.90 4.53
CA TRP B 104 5.72 -4.70 5.09
C TRP B 104 5.02 -3.43 4.71
N LEU B 105 4.68 -3.26 3.41
CA LEU B 105 3.97 -2.06 2.99
C LEU B 105 2.58 -2.01 3.68
N GLU B 106 1.90 -3.15 3.76
CA GLU B 106 0.59 -3.19 4.42
C GLU B 106 0.68 -2.84 5.89
N THR B 107 1.75 -3.30 6.56
CA THR B 107 2.05 -2.98 7.96
C THR B 107 2.28 -1.46 8.12
N LEU B 108 3.13 -0.85 7.28
CA LEU B 108 3.44 0.60 7.29
C LEU B 108 2.15 1.40 7.20
N LEU B 109 1.28 1.03 6.24
CA LEU B 109 -0.02 1.71 6.03
C LEU B 109 -0.93 1.56 7.24
N CYS B 110 -0.93 0.39 7.93
CA CYS B 110 -1.67 0.18 9.18
C CYS B 110 -1.31 1.25 10.21
N LEU B 111 0.01 1.43 10.42
CA LEU B 111 0.56 2.40 11.36
C LEU B 111 0.20 3.84 11.00
N ILE B 112 0.62 4.32 9.82
CA ILE B 112 0.41 5.72 9.44
C ILE B 112 -1.07 6.07 9.21
N GLY B 113 -1.88 5.08 8.84
CA GLY B 113 -3.32 5.28 8.66
C GLY B 113 -4.12 5.12 9.94
N GLU B 114 -3.47 4.84 11.07
CA GLU B 114 -4.09 4.66 12.39
C GLU B 114 -5.25 3.65 12.31
N SER B 115 -4.99 2.47 11.71
CA SER B 115 -6.03 1.48 11.48
C SER B 115 -6.58 0.81 12.74
N PHE B 116 -5.99 1.06 13.91
CA PHE B 116 -6.46 0.39 15.13
C PHE B 116 -7.40 1.29 15.98
N ASP B 117 -7.91 2.39 15.39
CA ASP B 117 -8.92 3.30 15.91
C ASP B 117 -8.64 3.77 17.37
N ASP B 118 -9.49 3.42 18.34
CA ASP B 118 -9.30 3.86 19.73
C ASP B 118 -8.18 3.15 20.47
N TYR B 119 -7.51 2.18 19.83
CA TYR B 119 -6.35 1.54 20.43
C TYR B 119 -5.04 1.88 19.67
N SER B 120 -5.09 2.76 18.65
CA SER B 120 -3.88 3.13 17.91
C SER B 120 -2.88 3.90 18.85
N ASP B 121 -3.35 4.43 19.98
CA ASP B 121 -2.49 5.05 20.98
C ASP B 121 -1.53 4.00 21.60
N ASP B 122 -1.97 2.71 21.69
CA ASP B 122 -1.12 1.64 22.20
C ASP B 122 0.00 1.23 21.25
N VAL B 123 -0.13 1.58 19.96
CA VAL B 123 0.86 1.24 18.96
C VAL B 123 2.12 2.07 19.08
N CYS B 124 3.27 1.40 19.04
CA CYS B 124 4.55 2.10 19.11
C CYS B 124 5.18 2.17 17.75
N GLY B 125 5.23 1.01 17.08
CA GLY B 125 5.81 0.95 15.76
C GLY B 125 5.80 -0.46 15.20
N ALA B 126 6.60 -0.68 14.18
CA ALA B 126 6.70 -1.99 13.55
C ALA B 126 8.15 -2.22 13.15
N VAL B 127 8.54 -3.49 13.06
CA VAL B 127 9.90 -3.88 12.70
C VAL B 127 9.89 -5.02 11.67
N VAL B 128 10.77 -4.97 10.65
CA VAL B 128 10.92 -6.08 9.75
C VAL B 128 12.37 -6.55 9.86
N ASN B 129 12.59 -7.85 10.22
CA ASN B 129 13.90 -8.51 10.30
C ASN B 129 14.13 -9.33 9.02
N VAL B 130 15.16 -9.00 8.25
CA VAL B 130 15.51 -9.77 7.04
C VAL B 130 16.60 -10.70 7.49
N ARG B 131 16.38 -12.04 7.40
CA ARG B 131 17.33 -13.05 7.88
C ARG B 131 17.40 -14.20 6.87
N ALA B 132 18.57 -14.82 6.76
CA ALA B 132 18.75 -15.96 5.85
C ALA B 132 17.89 -17.16 6.27
N LYS B 133 17.59 -17.29 7.58
CA LYS B 133 16.80 -18.38 8.14
C LYS B 133 15.29 -18.24 7.90
N GLY B 134 14.82 -17.00 7.82
CA GLY B 134 13.40 -16.73 7.65
C GLY B 134 13.05 -15.36 8.17
N ASP B 135 12.43 -14.55 7.36
CA ASP B 135 12.12 -13.16 7.73
C ASP B 135 11.04 -13.06 8.81
N LYS B 136 10.97 -11.90 9.47
CA LYS B 136 9.98 -11.67 10.50
C LYS B 136 9.46 -10.23 10.43
N ILE B 137 8.17 -10.02 10.74
CA ILE B 137 7.57 -8.68 10.83
C ILE B 137 6.81 -8.62 12.14
N ALA B 138 6.89 -7.49 12.86
CA ALA B 138 6.24 -7.37 14.15
C ALA B 138 5.63 -6.01 14.37
N ILE B 139 4.50 -5.95 15.09
CA ILE B 139 3.93 -4.66 15.48
C ILE B 139 4.17 -4.60 16.99
N TRP B 140 4.81 -3.54 17.45
CA TRP B 140 5.17 -3.31 18.85
C TRP B 140 4.10 -2.46 19.52
N THR B 141 3.60 -2.93 20.70
CA THR B 141 2.60 -2.20 21.48
C THR B 141 3.19 -1.84 22.85
N THR B 142 2.59 -0.83 23.52
CA THR B 142 3.17 -0.21 24.71
C THR B 142 2.94 -0.91 26.04
N GLU B 143 1.89 -1.73 26.19
CA GLU B 143 1.59 -2.36 27.47
C GLU B 143 1.06 -3.78 27.27
N CYS B 144 1.87 -4.80 27.60
CA CYS B 144 1.48 -6.20 27.42
C CYS B 144 0.32 -6.64 28.32
N GLU B 145 -0.08 -5.82 29.31
CA GLU B 145 -1.19 -6.16 30.18
C GLU B 145 -2.54 -5.58 29.72
N ASN B 146 -2.54 -4.73 28.68
CA ASN B 146 -3.76 -4.16 28.11
C ASN B 146 -4.29 -5.23 27.13
N ARG B 147 -4.89 -6.31 27.66
CA ARG B 147 -5.38 -7.42 26.86
C ARG B 147 -6.33 -7.00 25.74
N GLU B 148 -7.27 -6.12 26.07
CA GLU B 148 -8.27 -5.64 25.14
C GLU B 148 -7.62 -4.90 23.95
N ALA B 149 -6.66 -4.03 24.23
CA ALA B 149 -5.95 -3.31 23.17
C ALA B 149 -5.09 -4.27 22.33
N VAL B 150 -4.30 -5.12 23.00
CA VAL B 150 -3.40 -6.06 22.35
C VAL B 150 -4.15 -7.02 21.43
N THR B 151 -5.23 -7.65 21.90
CA THR B 151 -5.97 -8.59 21.06
C THR B 151 -6.72 -7.87 19.93
N HIS B 152 -7.27 -6.65 20.17
CA HIS B 152 -7.92 -5.90 19.08
C HIS B 152 -6.87 -5.61 17.96
N ILE B 153 -5.69 -5.10 18.34
CA ILE B 153 -4.61 -4.79 17.39
C ILE B 153 -4.20 -6.06 16.63
N GLY B 154 -4.00 -7.16 17.35
CA GLY B 154 -3.61 -8.42 16.77
C GLY B 154 -4.59 -8.96 15.76
N ARG B 155 -5.88 -8.95 16.11
CA ARG B 155 -6.95 -9.44 15.24
C ARG B 155 -7.11 -8.57 13.99
N VAL B 156 -7.05 -7.24 14.13
CA VAL B 156 -7.17 -6.33 12.99
C VAL B 156 -5.95 -6.54 12.06
N TYR B 157 -4.75 -6.64 12.65
CA TYR B 157 -3.49 -6.81 11.94
C TYR B 157 -3.46 -8.13 11.16
N LYS B 158 -3.78 -9.24 11.82
CA LYS B 158 -3.80 -10.55 11.15
C LYS B 158 -4.77 -10.56 9.93
N GLU B 159 -5.95 -9.96 10.12
CA GLU B 159 -6.98 -9.85 9.08
C GLU B 159 -6.51 -8.98 7.92
N ARG B 160 -5.89 -7.81 8.23
CA ARG B 160 -5.37 -6.90 7.22
C ARG B 160 -4.37 -7.57 6.31
N LEU B 161 -3.51 -8.42 6.88
CA LEU B 161 -2.47 -9.07 6.10
C LEU B 161 -2.98 -10.30 5.33
N GLY B 162 -4.19 -10.76 5.63
CA GLY B 162 -4.81 -11.90 4.96
C GLY B 162 -4.18 -13.21 5.35
N LEU B 163 -3.77 -13.33 6.62
CA LEU B 163 -3.13 -14.55 7.12
C LEU B 163 -4.18 -15.64 7.35
N PRO B 164 -3.84 -16.92 7.11
CA PRO B 164 -4.85 -17.99 7.33
C PRO B 164 -5.31 -18.04 8.79
N PRO B 165 -6.61 -17.92 9.03
CA PRO B 165 -7.11 -17.90 10.41
C PRO B 165 -6.80 -19.15 11.24
N LYS B 166 -6.51 -20.27 10.56
CA LYS B 166 -6.18 -21.55 11.20
C LYS B 166 -4.86 -21.47 11.96
N ILE B 167 -3.84 -20.78 11.43
CA ILE B 167 -2.55 -20.69 12.12
C ILE B 167 -2.52 -19.46 13.01
N VAL B 168 -2.24 -19.61 14.31
CA VAL B 168 -2.19 -18.44 15.20
C VAL B 168 -0.89 -17.65 15.03
N ILE B 169 -0.94 -16.37 15.44
CA ILE B 169 0.25 -15.53 15.55
C ILE B 169 0.31 -15.22 17.03
N GLY B 170 1.52 -15.09 17.55
CA GLY B 170 1.71 -14.87 18.96
C GLY B 170 2.20 -13.48 19.32
N TYR B 171 1.81 -13.06 20.49
CA TYR B 171 2.21 -11.82 21.06
C TYR B 171 3.19 -12.13 22.18
N GLN B 172 4.44 -11.65 22.06
CA GLN B 172 5.46 -11.86 23.07
C GLN B 172 5.70 -10.59 23.85
N SER B 173 5.76 -10.68 25.18
CA SER B 173 6.13 -9.51 25.99
C SER B 173 7.62 -9.30 25.80
N HIS B 174 8.08 -8.04 25.75
CA HIS B 174 9.50 -7.75 25.60
C HIS B 174 10.27 -8.23 26.81
N ALA B 175 9.67 -8.15 28.01
CA ALA B 175 10.27 -8.66 29.26
C ALA B 175 10.59 -10.15 29.13
N ASP B 176 9.72 -10.93 28.44
CA ASP B 176 9.94 -12.35 28.21
C ASP B 176 10.96 -12.59 27.13
N THR B 177 10.93 -11.79 26.07
CA THR B 177 11.90 -11.97 24.97
C THR B 177 13.31 -11.62 25.45
N ALA B 178 13.44 -10.59 26.29
CA ALA B 178 14.73 -10.18 26.82
C ALA B 178 15.36 -11.21 27.76
N THR B 179 14.56 -12.14 28.34
CA THR B 179 15.04 -13.14 29.29
C THR B 179 14.76 -14.57 28.78
N LYS B 180 14.72 -14.78 27.46
CA LYS B 180 14.42 -16.08 26.89
C LYS B 180 15.56 -17.10 27.08
N SER B 181 15.19 -18.36 27.39
CA SER B 181 16.18 -19.42 27.55
C SER B 181 16.54 -19.98 26.17
N THR B 184 12.50 -21.14 21.79
CA THR B 184 11.10 -20.69 21.70
C THR B 184 10.71 -19.72 22.84
N THR B 185 10.35 -18.47 22.49
CA THR B 185 9.92 -17.47 23.45
C THR B 185 8.44 -17.66 23.78
N LYS B 186 8.09 -17.55 25.05
CA LYS B 186 6.72 -17.66 25.49
C LYS B 186 5.85 -16.53 24.91
N ASN B 187 4.60 -16.85 24.63
CA ASN B 187 3.63 -15.87 24.18
C ASN B 187 2.71 -15.55 25.36
N ARG B 188 2.23 -14.32 25.44
CA ARG B 188 1.23 -13.93 26.43
C ARG B 188 -0.16 -14.19 25.82
N PHE B 189 -0.35 -13.89 24.51
CA PHE B 189 -1.59 -14.06 23.77
C PHE B 189 -1.35 -14.69 22.40
N VAL B 190 -2.38 -15.32 21.84
CA VAL B 190 -2.39 -15.88 20.50
C VAL B 190 -3.70 -15.46 19.79
N VAL B 191 -3.66 -15.18 18.48
CA VAL B 191 -4.89 -14.87 17.69
C VAL B 191 -4.83 -15.58 16.32
C4 WXL C . -9.43 -1.63 -27.79
C5 WXL C . -8.59 -2.83 -27.47
C6 WXL C . -7.26 -2.89 -27.45
N1 WXL C . -14.61 -0.60 -27.76
C7 WXL C . -6.31 -1.75 -27.71
C8 WXL C . -9.41 -0.70 -25.48
N2 WXL C . -12.36 -0.94 -27.34
O WXL C . -13.06 0.96 -23.75
C3 WXL C . -11.39 -0.74 -26.43
C2 WXL C . -11.52 -0.15 -25.22
N WXL C . -13.76 0.12 -25.75
C1 WXL C . -13.55 -0.48 -26.96
C WXL C . -12.79 0.36 -24.78
CL WXL C . -10.92 -4.47 -17.54
C14 WXL C . -10.27 -3.59 -18.90
C13 WXL C . -10.95 -2.47 -19.37
C15 WXL C . -9.08 -4.02 -19.47
C16 WXL C . -8.54 -3.31 -20.53
C17 WXL C . -9.22 -2.20 -21.02
C12 WXL C . -10.42 -1.76 -20.45
C11 WXL C . -10.87 -0.64 -21.23
N5 WXL C . -8.96 -1.39 -22.12
C10 WXL C . -9.93 -0.45 -22.27
C9 WXL C . -9.90 0.54 -23.39
N4 WXL C . -10.27 -0.14 -24.62
N3 WXL C . -10.07 -1.06 -26.58
P WXL C . -4.93 -1.69 -26.55
O3 WXL C . -3.86 -2.67 -26.92
O2 WXL C . -4.40 -0.23 -26.57
O1 WXL C . -5.53 -1.94 -25.14
PA M7G D . 16.13 -10.48 16.83
O1A M7G D . 15.46 -9.20 16.50
O2A M7G D . 15.14 -11.55 17.31
O3A M7G D . 16.89 -11.12 15.59
O5' M7G D . 17.22 -10.28 18.00
PB M7G D . 17.31 -12.64 15.31
O1B M7G D . 18.83 -12.56 15.08
O2B M7G D . 16.93 -13.51 16.43
O3B M7G D . 16.61 -13.00 14.00
C5' M7G D . 18.63 -10.58 17.87
C4' M7G D . 19.34 -10.14 19.12
O4' M7G D . 19.40 -8.69 19.16
C3' M7G D . 18.67 -10.54 20.44
O3' M7G D . 19.03 -11.85 20.85
C2' M7G D . 19.17 -9.46 21.39
O2' M7G D . 20.47 -9.75 21.90
C1' M7G D . 19.17 -8.23 20.48
N9 M7G D . 17.97 -7.43 20.67
C8 M7G D . 16.95 -7.39 19.65
N7 M7G D . 16.10 -6.35 20.12
CM7 M7G D . 14.95 -5.95 19.33
C5 M7G D . 16.72 -5.63 21.14
C6 M7G D . 16.35 -4.46 21.84
O6 M7G D . 15.35 -3.79 21.69
N1 M7G D . 17.31 -4.12 22.80
C2 M7G D . 18.46 -4.82 23.05
N2 M7G D . 19.25 -4.36 24.01
N3 M7G D . 18.81 -5.93 22.39
C4 M7G D . 17.91 -6.29 21.45
#